data_8GXV
#
_entry.id   8GXV
#
_cell.length_a   60.660
_cell.length_b   60.910
_cell.length_c   130.160
_cell.angle_alpha   90.000
_cell.angle_beta   90.000
_cell.angle_gamma   90.000
#
_symmetry.space_group_name_H-M   'P 21 2 21'
#
loop_
_entity.id
_entity.type
_entity.pdbx_description
1 polymer 'Proteinase inhibitor I4 serpin'
2 non-polymer 'ZINC ION'
3 non-polymer GLYCEROL
4 water water
#
_entity_poly.entity_id   1
_entity_poly.type   'polypeptide(L)'
_entity_poly.pdbx_seq_one_letter_code
;GSGSGSGSELAVDLYRNLAVTGKNLFFSPSSIETALSMTMSGARNRTERQMADVMHVGPDAMERHHAGLASFEKQLESIQ
KKGKVTIASSNSIWPQKNYPLAPSWLAQLKRYYGTSVTPVDYIHETEKARIAINRRVEKDTKNRIRELLKPGILDPLTRL
ALVNAVYFKGDWEHPFNENNTVASPFYIRQGTTGKAPLMRQSASFGYGDHDGVQVLELPYAGKKLSMIVVLPKERFGLEA
LEKTLTPKQFALWTANLSERKIEALLPKFRTTSAFRLDETLRHMGMTDAFDRNLADFSGMVSNSDKLYIGAVVHKAFVDV
GEKGTEAAAATAVVMQLRSAMPMPVPVFKADHPFLFAIRENSTGRILFMGRISDP
;
_entity_poly.pdbx_strand_id   A
#
# COMPACT_ATOMS: atom_id res chain seq x y z
N SER A 4 -11.26 12.86 2.09
CA SER A 4 -11.12 13.50 3.39
C SER A 4 -10.26 12.66 4.34
N GLY A 5 -9.02 13.10 4.58
CA GLY A 5 -8.10 12.39 5.47
C GLY A 5 -6.76 12.22 4.81
N SER A 6 -5.70 12.20 5.64
CA SER A 6 -4.33 12.27 5.14
C SER A 6 -3.93 11.00 4.37
N GLY A 7 -3.42 11.20 3.16
CA GLY A 7 -3.05 10.11 2.30
C GLY A 7 -4.21 9.41 1.61
N SER A 8 -5.45 9.70 2.00
CA SER A 8 -6.59 8.96 1.47
C SER A 8 -6.82 9.27 0.00
N GLU A 9 -6.51 10.50 -0.45
CA GLU A 9 -6.71 10.85 -1.84
C GLU A 9 -5.73 10.12 -2.74
N LEU A 10 -4.46 10.02 -2.34
CA LEU A 10 -3.49 9.24 -3.10
C LEU A 10 -3.84 7.77 -3.08
N ALA A 11 -4.34 7.26 -1.94
CA ALA A 11 -4.74 5.87 -1.86
C ALA A 11 -5.83 5.54 -2.86
N VAL A 12 -6.87 6.39 -2.93
CA VAL A 12 -7.97 6.13 -3.86
C VAL A 12 -7.47 6.23 -5.31
N ASP A 13 -6.70 7.28 -5.63
CA ASP A 13 -6.11 7.40 -6.96
C ASP A 13 -5.32 6.16 -7.32
N LEU A 14 -4.44 5.71 -6.41
CA LEU A 14 -3.68 4.50 -6.67
C LEU A 14 -4.59 3.30 -6.88
N TYR A 15 -5.61 3.16 -6.03
CA TYR A 15 -6.51 2.01 -6.15
C TYR A 15 -7.14 1.95 -7.52
N ARG A 16 -7.64 3.09 -8.00
CA ARG A 16 -8.37 3.14 -9.26
C ARG A 16 -7.46 2.93 -10.46
N ASN A 17 -6.18 3.23 -10.33
CA ASN A 17 -5.23 2.98 -11.39
C ASN A 17 -4.70 1.55 -11.37
N LEU A 18 -4.82 0.84 -10.25
CA LEU A 18 -4.23 -0.49 -10.13
C LEU A 18 -5.26 -1.62 -10.18
N ALA A 19 -6.53 -1.34 -9.89
CA ALA A 19 -7.55 -2.39 -9.90
C ALA A 19 -7.85 -2.81 -11.32
N VAL A 20 -7.80 -4.12 -11.56
CA VAL A 20 -8.14 -4.70 -12.86
C VAL A 20 -9.27 -5.70 -12.66
N THR A 21 -10.25 -5.68 -13.56
CA THR A 21 -11.44 -6.51 -13.40
C THR A 21 -11.08 -8.00 -13.50
N GLY A 22 -11.74 -8.80 -12.67
CA GLY A 22 -11.48 -10.23 -12.58
C GLY A 22 -10.21 -10.62 -11.85
N LYS A 23 -9.53 -9.70 -11.18
CA LYS A 23 -8.17 -9.94 -10.69
C LYS A 23 -8.06 -9.40 -9.26
N ASN A 24 -7.42 -10.16 -8.38
CA ASN A 24 -7.22 -9.69 -7.02
C ASN A 24 -6.23 -8.51 -7.00
N LEU A 25 -6.19 -7.81 -5.86
CA LEU A 25 -5.30 -6.67 -5.69
C LEU A 25 -4.93 -6.53 -4.22
N PHE A 26 -3.66 -6.20 -3.95
CA PHE A 26 -3.24 -5.87 -2.60
C PHE A 26 -2.00 -5.00 -2.66
N PHE A 27 -2.07 -3.80 -2.07
CA PHE A 27 -0.93 -2.91 -2.10
C PHE A 27 -0.98 -1.99 -0.90
N SER A 28 0.14 -1.35 -0.61
CA SER A 28 0.23 -0.40 0.48
C SER A 28 0.35 1.02 -0.08
N PRO A 29 -0.71 1.82 -0.01
CA PRO A 29 -0.56 3.24 -0.43
C PRO A 29 0.40 4.01 0.43
N SER A 30 0.48 3.73 1.74
CA SER A 30 1.35 4.49 2.61
C SER A 30 2.82 4.20 2.31
N SER A 31 3.17 2.95 1.99
CA SER A 31 4.57 2.67 1.68
C SER A 31 4.96 3.28 0.34
N ILE A 32 4.08 3.18 -0.66
CA ILE A 32 4.32 3.89 -1.92
C ILE A 32 4.52 5.39 -1.66
N GLU A 33 3.60 5.99 -0.90
CA GLU A 33 3.70 7.41 -0.57
C GLU A 33 5.00 7.73 0.14
N THR A 34 5.42 6.88 1.08
CA THR A 34 6.68 7.12 1.77
C THR A 34 7.85 7.08 0.79
N ALA A 35 7.84 6.12 -0.12
CA ALA A 35 8.91 6.03 -1.11
C ALA A 35 8.93 7.24 -2.03
N LEU A 36 7.76 7.69 -2.49
CA LEU A 36 7.69 8.87 -3.34
C LEU A 36 8.03 10.14 -2.57
N SER A 37 7.73 10.19 -1.27
CA SER A 37 8.01 11.40 -0.50
C SER A 37 9.49 11.52 -0.17
N MET A 38 10.16 10.40 0.11
CA MET A 38 11.61 10.43 0.29
C MET A 38 12.29 10.96 -0.96
N THR A 39 11.78 10.57 -2.13
CA THR A 39 12.31 11.02 -3.41
C THR A 39 11.92 12.47 -3.69
N MET A 40 10.68 12.83 -3.38
CA MET A 40 10.24 14.20 -3.63
C MET A 40 11.05 15.21 -2.83
N SER A 41 11.59 14.82 -1.67
CA SER A 41 12.38 15.78 -0.89
C SER A 41 13.64 16.23 -1.62
N GLY A 42 14.09 15.49 -2.63
CA GLY A 42 15.22 15.89 -3.45
C GLY A 42 14.84 16.46 -4.80
N ALA A 43 13.55 16.51 -5.12
CA ALA A 43 13.09 17.06 -6.38
C ALA A 43 12.95 18.57 -6.26
N ARG A 44 13.06 19.25 -7.40
CA ARG A 44 12.94 20.70 -7.45
C ARG A 44 12.10 21.10 -8.64
N ASN A 45 11.68 22.37 -8.65
CA ASN A 45 10.99 23.01 -9.78
C ASN A 45 9.83 22.12 -10.22
N ARG A 46 9.63 21.89 -11.52
CA ARG A 46 8.41 21.24 -12.00
C ARG A 46 8.34 19.78 -11.60
N THR A 47 9.49 19.10 -11.48
CA THR A 47 9.49 17.73 -10.99
C THR A 47 8.89 17.64 -9.60
N GLU A 48 9.30 18.54 -8.70
CA GLU A 48 8.78 18.57 -7.34
C GLU A 48 7.30 18.90 -7.33
N ARG A 49 6.87 19.89 -8.11
CA ARG A 49 5.47 20.29 -8.06
C ARG A 49 4.55 19.17 -8.54
N GLN A 50 4.97 18.45 -9.59
CA GLN A 50 4.17 17.33 -10.08
C GLN A 50 4.01 16.26 -8.99
N MET A 51 5.11 15.89 -8.33
CA MET A 51 5.02 14.90 -7.27
C MET A 51 4.14 15.40 -6.12
N ALA A 52 4.25 16.70 -5.79
CA ALA A 52 3.42 17.26 -4.72
C ALA A 52 1.95 17.24 -5.10
N ASP A 53 1.64 17.61 -6.34
CA ASP A 53 0.26 17.52 -6.82
C ASP A 53 -0.26 16.09 -6.74
N VAL A 54 0.55 15.12 -7.20
CA VAL A 54 0.13 13.73 -7.15
C VAL A 54 -0.21 13.32 -5.73
N MET A 55 0.57 13.79 -4.76
CA MET A 55 0.30 13.42 -3.37
C MET A 55 -0.54 14.45 -2.62
N HIS A 56 -1.10 15.43 -3.34
CA HIS A 56 -2.08 16.39 -2.78
C HIS A 56 -1.48 17.20 -1.64
N VAL A 57 -0.20 17.54 -1.76
CA VAL A 57 0.48 18.40 -0.80
C VAL A 57 0.33 19.84 -1.28
N GLY A 58 -0.42 20.64 -0.54
CA GLY A 58 -0.56 22.04 -0.88
C GLY A 58 0.75 22.76 -0.70
N PRO A 59 0.85 23.99 -1.18
CA PRO A 59 2.09 24.75 -1.00
C PRO A 59 2.21 25.18 0.45
N ASP A 60 3.46 25.30 0.89
CA ASP A 60 3.84 25.56 2.28
C ASP A 60 3.66 24.32 3.13
N ALA A 61 3.09 23.24 2.59
CA ALA A 61 2.68 22.11 3.40
C ALA A 61 3.67 20.94 3.32
N MET A 62 4.82 21.14 2.67
CA MET A 62 5.75 20.04 2.40
C MET A 62 6.32 19.44 3.68
N GLU A 63 6.84 20.28 4.58
CA GLU A 63 7.44 19.78 5.83
C GLU A 63 6.40 19.07 6.69
N ARG A 64 5.21 19.67 6.82
CA ARG A 64 4.09 19.01 7.47
C ARG A 64 3.84 17.62 6.89
N HIS A 65 3.95 17.49 5.58
CA HIS A 65 3.67 16.21 4.92
C HIS A 65 4.68 15.14 5.34
N HIS A 66 5.98 15.48 5.33
CA HIS A 66 7.00 14.54 5.76
C HIS A 66 6.84 14.17 7.23
N ALA A 67 6.68 15.17 8.10
CA ALA A 67 6.49 14.92 9.52
C ALA A 67 5.34 13.95 9.77
N GLY A 68 4.24 14.09 9.03
CA GLY A 68 3.11 13.19 9.22
C GLY A 68 3.44 11.76 8.86
N LEU A 69 4.25 11.57 7.82
CA LEU A 69 4.69 10.21 7.49
C LEU A 69 5.68 9.69 8.52
N ALA A 70 6.56 10.56 9.06
CA ALA A 70 7.45 10.15 10.14
C ALA A 70 6.67 9.69 11.36
N SER A 71 5.65 10.43 11.76
CA SER A 71 4.93 10.05 12.97
C SER A 71 4.06 8.82 12.71
N PHE A 72 3.56 8.65 11.49
CA PHE A 72 2.86 7.41 11.15
C PHE A 72 3.80 6.20 11.27
N GLU A 73 5.04 6.34 10.79
CA GLU A 73 5.99 5.23 10.89
C GLU A 73 6.27 4.87 12.33
N LYS A 74 6.37 5.88 13.22
CA LYS A 74 6.55 5.60 14.64
C LYS A 74 5.33 4.90 15.22
N GLN A 75 4.13 5.26 14.78
CA GLN A 75 2.94 4.57 15.26
C GLN A 75 2.93 3.12 14.79
N LEU A 76 3.39 2.87 13.57
CA LEU A 76 3.47 1.50 13.08
C LEU A 76 4.46 0.69 13.91
N GLU A 77 5.63 1.24 14.19
CA GLU A 77 6.59 0.56 15.06
C GLU A 77 5.98 0.24 16.43
N SER A 78 5.27 1.21 17.00
CA SER A 78 4.65 0.98 18.31
C SER A 78 3.62 -0.13 18.27
N ILE A 79 2.94 -0.30 17.13
CA ILE A 79 1.95 -1.38 17.00
C ILE A 79 2.64 -2.73 16.86
N GLN A 80 3.66 -2.83 16.00
CA GLN A 80 4.41 -4.08 15.85
C GLN A 80 4.96 -4.58 17.18
N LYS A 81 5.30 -3.67 18.10
CA LYS A 81 5.89 -4.07 19.36
C LYS A 81 4.91 -4.81 20.27
N LYS A 82 3.61 -4.66 20.03
CA LYS A 82 2.65 -5.41 20.83
C LYS A 82 2.55 -6.88 20.42
N GLY A 83 3.14 -7.27 19.29
CA GLY A 83 3.26 -8.66 18.93
C GLY A 83 2.01 -9.32 18.37
N LYS A 84 0.95 -8.57 18.08
CA LYS A 84 -0.28 -9.18 17.61
C LYS A 84 -0.47 -9.08 16.11
N VAL A 85 0.36 -8.31 15.41
CA VAL A 85 0.31 -8.24 13.95
C VAL A 85 1.72 -8.37 13.41
N THR A 86 1.82 -8.71 12.14
CA THR A 86 3.09 -8.81 11.45
C THR A 86 3.10 -7.79 10.31
N ILE A 87 4.02 -6.84 10.39
CA ILE A 87 4.25 -5.90 9.29
C ILE A 87 5.72 -5.98 8.89
N ALA A 88 6.07 -6.95 8.05
CA ALA A 88 7.44 -7.11 7.57
C ALA A 88 7.61 -6.20 6.36
N SER A 89 8.35 -5.10 6.56
CA SER A 89 8.36 -3.98 5.64
C SER A 89 9.78 -3.65 5.19
N SER A 90 9.91 -3.11 3.97
CA SER A 90 11.18 -2.65 3.43
C SER A 90 10.89 -1.51 2.46
N ASN A 91 11.58 -0.39 2.65
CA ASN A 91 11.31 0.80 1.85
C ASN A 91 12.64 1.52 1.67
N SER A 92 13.20 1.49 0.47
CA SER A 92 14.55 2.01 0.31
C SER A 92 14.72 2.64 -1.06
N ILE A 93 15.72 3.51 -1.16
CA ILE A 93 16.05 4.25 -2.37
C ILE A 93 17.51 4.04 -2.71
N TRP A 94 17.80 3.88 -4.00
CA TRP A 94 19.07 3.35 -4.47
C TRP A 94 19.65 4.23 -5.59
N PRO A 95 20.43 5.23 -5.23
CA PRO A 95 21.07 6.09 -6.24
C PRO A 95 22.26 5.40 -6.89
N GLN A 96 22.59 5.86 -8.10
CA GLN A 96 23.84 5.47 -8.73
C GLN A 96 25.04 5.86 -7.88
N LYS A 97 25.98 4.93 -7.74
CA LYS A 97 27.18 5.14 -6.95
C LYS A 97 28.08 6.21 -7.57
N ASN A 98 28.84 6.89 -6.71
CA ASN A 98 29.85 7.89 -7.08
C ASN A 98 29.22 9.18 -7.60
N TYR A 99 27.96 9.42 -7.27
CA TYR A 99 27.33 10.72 -7.47
C TYR A 99 27.25 11.40 -6.10
N PRO A 100 28.08 12.42 -5.82
CA PRO A 100 27.99 13.13 -4.54
C PRO A 100 26.57 13.53 -4.19
N LEU A 101 26.08 13.11 -3.03
CA LEU A 101 24.73 13.41 -2.59
C LEU A 101 24.73 14.64 -1.69
N ALA A 102 23.68 15.44 -1.80
CA ALA A 102 23.61 16.69 -1.06
C ALA A 102 23.41 16.41 0.43
N PRO A 103 24.18 17.06 1.32
CA PRO A 103 23.95 16.86 2.76
C PRO A 103 22.54 17.25 3.18
N SER A 104 21.98 18.30 2.58
CA SER A 104 20.66 18.77 2.99
C SER A 104 19.59 17.73 2.70
N TRP A 105 19.74 16.97 1.60
CA TRP A 105 18.81 15.90 1.31
C TRP A 105 18.93 14.77 2.32
N LEU A 106 20.17 14.34 2.61
CA LEU A 106 20.35 13.26 3.55
C LEU A 106 19.91 13.66 4.94
N ALA A 107 20.16 14.91 5.33
CA ALA A 107 19.66 15.40 6.62
C ALA A 107 18.14 15.32 6.70
N GLN A 108 17.48 15.90 5.70
CA GLN A 108 16.05 15.78 5.48
C GLN A 108 15.60 14.31 5.50
N LEU A 109 16.41 13.40 4.93
CA LEU A 109 16.04 11.98 5.00
C LEU A 109 16.21 11.41 6.38
N LYS A 110 17.24 11.86 7.13
CA LYS A 110 17.42 11.22 8.43
C LYS A 110 16.40 11.74 9.45
N ARG A 111 16.03 13.01 9.37
CA ARG A 111 15.14 13.60 10.37
C ARG A 111 13.68 13.18 10.19
N TYR A 112 13.28 12.77 8.99
CA TYR A 112 11.89 12.42 8.74
C TYR A 112 11.68 10.95 8.38
N TYR A 113 12.73 10.21 8.04
CA TYR A 113 12.56 8.82 7.64
C TYR A 113 13.59 7.86 8.23
N GLY A 114 14.77 8.32 8.62
CA GLY A 114 15.78 7.43 9.17
C GLY A 114 16.11 6.25 8.29
N THR A 115 16.20 6.45 6.97
CA THR A 115 16.44 5.38 6.03
C THR A 115 17.92 5.28 5.68
N SER A 116 18.32 4.09 5.23
CA SER A 116 19.70 3.81 4.87
C SER A 116 19.83 3.90 3.35
N VAL A 117 20.63 4.86 2.87
CA VAL A 117 20.87 5.07 1.45
C VAL A 117 22.22 4.46 1.13
N THR A 118 22.23 3.39 0.35
CA THR A 118 23.48 2.72 -0.04
C THR A 118 23.58 2.72 -1.56
N PRO A 119 24.36 3.64 -2.14
CA PRO A 119 24.43 3.72 -3.61
C PRO A 119 25.04 2.46 -4.22
N VAL A 120 24.62 2.17 -5.45
CA VAL A 120 25.10 1.00 -6.19
C VAL A 120 25.46 1.43 -7.60
N ASP A 121 26.49 0.79 -8.18
CA ASP A 121 27.00 1.17 -9.50
C ASP A 121 26.19 0.44 -10.57
N TYR A 122 25.13 1.09 -11.03
CA TYR A 122 24.33 0.51 -12.11
C TYR A 122 25.10 0.43 -13.41
N ILE A 123 25.99 1.39 -13.67
CA ILE A 123 26.68 1.45 -14.96
C ILE A 123 27.57 0.23 -15.14
N HIS A 124 28.37 -0.09 -14.12
CA HIS A 124 29.36 -1.15 -14.20
C HIS A 124 28.98 -2.44 -13.50
N GLU A 125 28.07 -2.41 -12.51
CA GLU A 125 27.78 -3.59 -11.69
C GLU A 125 26.26 -3.72 -11.51
N THR A 126 25.54 -3.75 -12.62
CA THR A 126 24.08 -3.82 -12.56
C THR A 126 23.61 -5.05 -11.79
N GLU A 127 24.24 -6.20 -12.05
CA GLU A 127 23.75 -7.44 -11.47
C GLU A 127 24.02 -7.50 -9.97
N LYS A 128 25.18 -7.01 -9.55
CA LYS A 128 25.42 -6.98 -8.12
C LYS A 128 24.59 -5.91 -7.41
N ALA A 129 24.14 -4.88 -8.14
CA ALA A 129 23.15 -3.97 -7.58
C ALA A 129 21.81 -4.67 -7.38
N ARG A 130 21.38 -5.47 -8.37
CA ARG A 130 20.15 -6.24 -8.23
C ARG A 130 20.22 -7.16 -7.02
N ILE A 131 21.37 -7.84 -6.83
CA ILE A 131 21.54 -8.74 -5.69
C ILE A 131 21.58 -7.97 -4.38
N ALA A 132 22.29 -6.83 -4.36
CA ALA A 132 22.30 -6.00 -3.16
C ALA A 132 20.90 -5.56 -2.77
N ILE A 133 20.09 -5.15 -3.75
CA ILE A 133 18.73 -4.69 -3.45
C ILE A 133 17.87 -5.85 -2.97
N ASN A 134 17.96 -7.00 -3.63
CA ASN A 134 17.16 -8.15 -3.21
C ASN A 134 17.55 -8.61 -1.82
N ARG A 135 18.83 -8.46 -1.46
CA ARG A 135 19.28 -8.93 -0.14
C ARG A 135 18.83 -8.00 0.98
N ARG A 136 18.77 -6.69 0.71
CA ARG A 136 18.23 -5.79 1.73
C ARG A 136 16.75 -6.07 1.98
N VAL A 137 15.98 -6.33 0.92
CA VAL A 137 14.56 -6.60 1.09
C VAL A 137 14.35 -7.89 1.89
N GLU A 138 15.09 -8.95 1.53
CA GLU A 138 15.03 -10.19 2.29
C GLU A 138 15.38 -9.94 3.76
N LYS A 139 16.42 -9.14 4.02
CA LYS A 139 16.79 -8.85 5.40
C LYS A 139 15.69 -8.07 6.12
N ASP A 140 15.13 -7.04 5.47
CA ASP A 140 14.13 -6.21 6.11
C ASP A 140 12.86 -7.00 6.42
N THR A 141 12.41 -7.82 5.47
CA THR A 141 11.17 -8.56 5.62
C THR A 141 11.36 -9.91 6.30
N LYS A 142 12.48 -10.13 6.99
CA LYS A 142 12.70 -11.40 7.68
C LYS A 142 12.57 -12.59 6.74
N ASN A 143 13.04 -12.39 5.50
CA ASN A 143 13.02 -13.39 4.43
C ASN A 143 11.64 -13.65 3.86
N ARG A 144 10.66 -12.76 4.08
CA ARG A 144 9.32 -13.03 3.55
C ARG A 144 9.22 -12.67 2.07
N ILE A 145 9.89 -11.59 1.64
CA ILE A 145 9.88 -11.13 0.26
C ILE A 145 11.24 -11.44 -0.34
N ARG A 146 11.30 -12.44 -1.23
CA ARG A 146 12.55 -13.00 -1.72
C ARG A 146 12.72 -12.75 -3.21
N GLU A 147 13.96 -12.43 -3.60
CA GLU A 147 14.32 -12.05 -4.98
C GLU A 147 13.29 -11.13 -5.61
N LEU A 148 13.03 -10.01 -4.92
CA LEU A 148 12.06 -9.04 -5.40
C LEU A 148 12.33 -8.64 -6.85
N LEU A 149 13.55 -8.20 -7.13
CA LEU A 149 13.90 -7.68 -8.45
C LEU A 149 14.38 -8.82 -9.34
N LYS A 150 13.67 -9.05 -10.48
CA LYS A 150 14.10 -10.01 -11.48
C LYS A 150 15.06 -9.36 -12.47
N PRO A 151 15.98 -10.12 -13.07
CA PRO A 151 16.87 -9.52 -14.08
C PRO A 151 16.08 -8.90 -15.21
N GLY A 152 16.44 -7.66 -15.56
CA GLY A 152 15.76 -6.92 -16.61
C GLY A 152 15.17 -5.59 -16.13
N ILE A 153 14.83 -5.49 -14.85
CA ILE A 153 14.35 -4.22 -14.32
C ILE A 153 15.47 -3.18 -14.39
N LEU A 154 16.60 -3.48 -13.78
CA LEU A 154 17.75 -2.60 -13.77
C LEU A 154 18.62 -2.83 -14.99
N ASP A 155 19.19 -1.74 -15.50
CA ASP A 155 20.13 -1.82 -16.61
C ASP A 155 21.18 -0.73 -16.41
N PRO A 156 22.25 -0.73 -17.22
CA PRO A 156 23.30 0.29 -17.06
C PRO A 156 22.83 1.72 -17.16
N LEU A 157 21.60 1.98 -17.61
CA LEU A 157 21.07 3.33 -17.68
C LEU A 157 20.20 3.68 -16.48
N THR A 158 19.98 2.75 -15.56
CA THR A 158 19.32 3.09 -14.32
C THR A 158 20.19 4.03 -13.50
N ARG A 159 19.57 5.04 -12.90
CA ARG A 159 20.27 5.94 -11.99
C ARG A 159 19.65 6.00 -10.61
N LEU A 160 18.41 5.57 -10.45
CA LEU A 160 17.70 5.69 -9.18
C LEU A 160 16.55 4.71 -9.17
N ALA A 161 16.49 3.86 -8.15
CA ALA A 161 15.40 2.90 -7.99
C ALA A 161 14.74 3.08 -6.64
N LEU A 162 13.41 3.02 -6.64
CA LEU A 162 12.60 3.00 -5.43
C LEU A 162 12.08 1.58 -5.26
N VAL A 163 12.44 0.94 -4.15
CA VAL A 163 12.08 -0.46 -3.93
C VAL A 163 11.37 -0.54 -2.58
N ASN A 164 10.14 -1.06 -2.60
CA ASN A 164 9.45 -1.28 -1.33
C ASN A 164 8.59 -2.53 -1.41
N ALA A 165 8.48 -3.21 -0.28
CA ALA A 165 7.73 -4.45 -0.19
C ALA A 165 7.19 -4.57 1.23
N VAL A 166 6.06 -5.25 1.37
CA VAL A 166 5.46 -5.41 2.68
C VAL A 166 4.71 -6.73 2.74
N TYR A 167 4.89 -7.44 3.85
CA TYR A 167 4.11 -8.61 4.21
C TYR A 167 3.24 -8.26 5.41
N PHE A 168 1.98 -8.67 5.38
CA PHE A 168 1.08 -8.39 6.51
C PHE A 168 0.19 -9.57 6.86
N LYS A 169 0.03 -9.78 8.18
CA LYS A 169 -1.01 -10.62 8.75
C LYS A 169 -1.21 -10.17 10.19
N GLY A 170 -2.40 -10.37 10.71
CA GLY A 170 -2.70 -9.94 12.07
C GLY A 170 -3.68 -10.84 12.77
N ASP A 171 -3.60 -10.86 14.10
CA ASP A 171 -4.60 -11.52 14.91
C ASP A 171 -5.82 -10.62 15.04
N TRP A 172 -7.00 -11.19 14.79
CA TRP A 172 -8.25 -10.48 15.01
C TRP A 172 -8.46 -10.20 16.49
N GLU A 173 -9.18 -9.12 16.77
CA GLU A 173 -9.79 -8.99 18.10
C GLU A 173 -10.80 -10.10 18.33
N HIS A 174 -11.69 -10.33 17.35
CA HIS A 174 -12.72 -11.35 17.44
C HIS A 174 -12.34 -12.53 16.55
N PRO A 175 -11.78 -13.59 17.10
CA PRO A 175 -11.37 -14.73 16.26
C PRO A 175 -12.57 -15.45 15.65
N PHE A 176 -12.34 -16.03 14.48
CA PHE A 176 -13.28 -16.98 13.92
C PHE A 176 -12.97 -18.38 14.44
N ASN A 177 -14.02 -19.15 14.71
CA ASN A 177 -13.84 -20.57 15.01
C ASN A 177 -13.68 -21.34 13.72
N GLU A 178 -12.56 -22.06 13.58
CA GLU A 178 -12.30 -22.85 12.38
C GLU A 178 -13.40 -23.87 12.11
N ASN A 179 -14.07 -24.37 13.15
CA ASN A 179 -15.16 -25.31 12.94
C ASN A 179 -16.36 -24.66 12.29
N ASN A 180 -16.40 -23.33 12.22
CA ASN A 180 -17.44 -22.60 11.53
C ASN A 180 -17.07 -22.23 10.10
N THR A 181 -15.83 -22.49 9.68
CA THR A 181 -15.40 -22.21 8.32
C THR A 181 -15.88 -23.30 7.38
N VAL A 182 -16.49 -22.91 6.26
CA VAL A 182 -17.07 -23.86 5.31
C VAL A 182 -16.68 -23.46 3.90
N ALA A 183 -16.09 -24.39 3.15
CA ALA A 183 -15.82 -24.15 1.74
C ALA A 183 -17.13 -23.92 1.01
N SER A 184 -17.28 -22.74 0.43
CA SER A 184 -18.55 -22.27 -0.09
C SER A 184 -18.36 -21.73 -1.49
N PRO A 185 -19.43 -21.61 -2.27
CA PRO A 185 -19.30 -20.94 -3.57
C PRO A 185 -18.84 -19.51 -3.39
N PHE A 186 -17.97 -19.08 -4.30
CA PHE A 186 -17.60 -17.67 -4.41
C PHE A 186 -17.87 -17.25 -5.85
N TYR A 187 -18.77 -16.30 -6.02
CA TYR A 187 -19.25 -15.90 -7.34
C TYR A 187 -18.25 -14.93 -7.95
N ILE A 188 -17.61 -15.34 -9.05
CA ILE A 188 -16.53 -14.59 -9.65
C ILE A 188 -17.10 -13.63 -10.69
N ARG A 189 -17.85 -14.19 -11.64
CA ARG A 189 -18.65 -13.42 -12.59
C ARG A 189 -19.90 -14.24 -12.88
N GLN A 190 -20.79 -13.70 -13.72
CA GLN A 190 -22.16 -14.22 -13.78
C GLN A 190 -22.20 -15.73 -13.98
N GLY A 191 -21.51 -16.24 -14.99
CA GLY A 191 -21.49 -17.66 -15.25
C GLY A 191 -20.28 -18.42 -14.72
N THR A 192 -19.48 -17.81 -13.85
CA THR A 192 -18.28 -18.45 -13.31
C THR A 192 -18.32 -18.37 -11.80
N THR A 193 -18.44 -19.52 -11.15
CA THR A 193 -18.49 -19.63 -9.70
C THR A 193 -17.29 -20.44 -9.24
N GLY A 194 -16.56 -19.91 -8.27
CA GLY A 194 -15.43 -20.59 -7.68
C GLY A 194 -15.74 -21.14 -6.31
N LYS A 195 -14.69 -21.32 -5.51
CA LYS A 195 -14.80 -21.90 -4.19
C LYS A 195 -13.85 -21.16 -3.25
N ALA A 196 -14.35 -20.71 -2.10
CA ALA A 196 -13.50 -20.12 -1.05
C ALA A 196 -13.98 -20.59 0.32
N PRO A 197 -13.08 -20.81 1.26
CA PRO A 197 -13.50 -21.13 2.62
C PRO A 197 -14.04 -19.87 3.28
N LEU A 198 -15.31 -19.91 3.65
CA LEU A 198 -15.99 -18.77 4.27
C LEU A 198 -15.93 -18.93 5.77
N MET A 199 -15.17 -18.06 6.43
CA MET A 199 -15.20 -17.99 7.88
C MET A 199 -16.50 -17.33 8.33
N ARG A 200 -17.07 -17.81 9.44
CA ARG A 200 -18.33 -17.29 9.92
C ARG A 200 -18.28 -17.07 11.42
N GLN A 201 -18.75 -15.90 11.85
CA GLN A 201 -19.01 -15.65 13.25
C GLN A 201 -20.05 -14.54 13.36
N SER A 202 -20.69 -14.49 14.52
CA SER A 202 -21.53 -13.35 14.90
C SER A 202 -20.85 -12.65 16.07
N ALA A 203 -20.42 -11.41 15.84
CA ALA A 203 -19.75 -10.63 16.87
C ALA A 203 -20.08 -9.16 16.67
N SER A 204 -19.65 -8.34 17.63
CA SER A 204 -19.83 -6.90 17.52
C SER A 204 -18.74 -6.35 16.59
N PHE A 205 -19.17 -5.80 15.46
CA PHE A 205 -18.26 -5.22 14.48
C PHE A 205 -18.73 -3.81 14.18
N GLY A 206 -17.81 -2.99 13.67
CA GLY A 206 -18.21 -1.75 13.05
C GLY A 206 -19.02 -2.07 11.80
N TYR A 207 -20.11 -1.31 11.59
CA TYR A 207 -21.02 -1.66 10.52
C TYR A 207 -21.68 -0.40 9.96
N GLY A 208 -21.79 -0.35 8.63
CA GLY A 208 -22.55 0.70 7.99
C GLY A 208 -23.38 0.20 6.83
N ASP A 209 -24.62 0.66 6.72
CA ASP A 209 -25.48 0.39 5.58
C ASP A 209 -25.53 1.60 4.67
N HIS A 210 -25.35 1.38 3.37
CA HIS A 210 -25.33 2.44 2.38
C HIS A 210 -26.14 1.99 1.17
N ASP A 211 -26.39 2.95 0.28
CA ASP A 211 -27.21 2.71 -0.90
C ASP A 211 -26.84 1.41 -1.62
N GLY A 212 -25.56 1.26 -1.95
CA GLY A 212 -25.19 0.10 -2.76
C GLY A 212 -24.23 -0.88 -2.11
N VAL A 213 -23.82 -0.62 -0.87
CA VAL A 213 -22.83 -1.45 -0.20
C VAL A 213 -23.18 -1.62 1.27
N GLN A 214 -22.71 -2.72 1.85
CA GLN A 214 -22.48 -2.83 3.28
C GLN A 214 -21.01 -2.60 3.56
N VAL A 215 -20.72 -2.01 4.72
CA VAL A 215 -19.34 -1.83 5.17
C VAL A 215 -19.20 -2.48 6.54
N LEU A 216 -18.17 -3.29 6.70
CA LEU A 216 -17.88 -3.99 7.94
C LEU A 216 -16.46 -3.68 8.37
N GLU A 217 -16.30 -3.31 9.65
CA GLU A 217 -14.98 -3.07 10.22
C GLU A 217 -14.64 -4.20 11.18
N LEU A 218 -13.58 -4.94 10.88
CA LEU A 218 -13.08 -6.00 11.75
C LEU A 218 -11.77 -5.53 12.36
N PRO A 219 -11.73 -5.24 13.66
CA PRO A 219 -10.48 -4.78 14.28
C PRO A 219 -9.51 -5.93 14.50
N TYR A 220 -8.23 -5.64 14.29
CA TYR A 220 -7.18 -6.55 14.73
C TYR A 220 -6.98 -6.38 16.23
N ALA A 221 -6.36 -7.40 16.84
CA ALA A 221 -6.07 -7.39 18.27
C ALA A 221 -5.37 -6.10 18.68
N GLY A 222 -5.91 -5.43 19.68
CA GLY A 222 -5.41 -4.15 20.11
C GLY A 222 -6.21 -2.97 19.61
N LYS A 223 -6.96 -3.15 18.51
CA LYS A 223 -7.85 -2.14 17.96
C LYS A 223 -7.10 -0.93 17.39
N LYS A 224 -5.81 -1.07 17.12
CA LYS A 224 -5.05 0.00 16.49
C LYS A 224 -5.09 -0.08 14.96
N LEU A 225 -5.30 -1.27 14.41
CA LEU A 225 -5.55 -1.46 12.99
C LEU A 225 -6.89 -2.15 12.83
N SER A 226 -7.55 -1.89 11.71
CA SER A 226 -8.83 -2.52 11.40
C SER A 226 -8.87 -2.87 9.92
N MET A 227 -9.50 -4.00 9.60
CA MET A 227 -9.85 -4.26 8.21
C MET A 227 -11.24 -3.71 7.93
N ILE A 228 -11.36 -2.97 6.82
CA ILE A 228 -12.63 -2.42 6.35
C ILE A 228 -13.00 -3.18 5.09
N VAL A 229 -14.15 -3.85 5.10
CA VAL A 229 -14.61 -4.63 3.95
C VAL A 229 -15.83 -3.92 3.36
N VAL A 230 -15.72 -3.52 2.10
CA VAL A 230 -16.78 -2.80 1.40
C VAL A 230 -17.43 -3.78 0.44
N LEU A 231 -18.66 -4.20 0.75
CA LEU A 231 -19.29 -5.32 0.06
C LEU A 231 -20.47 -4.84 -0.79
N PRO A 232 -20.35 -4.89 -2.12
CA PRO A 232 -21.49 -4.52 -2.97
C PRO A 232 -22.73 -5.32 -2.61
N LYS A 233 -23.88 -4.63 -2.61
CA LYS A 233 -25.14 -5.33 -2.40
C LYS A 233 -25.55 -6.11 -3.64
N GLU A 234 -25.21 -5.61 -4.82
CA GLU A 234 -25.37 -6.39 -6.05
C GLU A 234 -24.18 -7.36 -6.17
N ARG A 235 -24.48 -8.59 -6.56
CA ARG A 235 -23.48 -9.65 -6.53
C ARG A 235 -22.24 -9.28 -7.35
N PHE A 236 -22.44 -8.71 -8.53
CA PHE A 236 -21.33 -8.33 -9.38
C PHE A 236 -21.24 -6.82 -9.52
N GLY A 237 -21.53 -6.10 -8.43
CA GLY A 237 -21.56 -4.66 -8.44
C GLY A 237 -20.26 -3.97 -8.10
N LEU A 238 -19.17 -4.72 -7.88
CA LEU A 238 -17.90 -4.11 -7.48
C LEU A 238 -17.39 -3.14 -8.54
N GLU A 239 -17.46 -3.53 -9.81
CA GLU A 239 -16.85 -2.73 -10.88
C GLU A 239 -17.52 -1.36 -10.97
N ALA A 240 -18.85 -1.35 -11.01
CA ALA A 240 -19.59 -0.09 -11.02
C ALA A 240 -19.25 0.74 -9.80
N LEU A 241 -18.99 0.09 -8.67
CA LEU A 241 -18.68 0.80 -7.44
C LEU A 241 -17.31 1.46 -7.53
N GLU A 242 -16.34 0.72 -8.07
CA GLU A 242 -14.98 1.24 -8.22
C GLU A 242 -14.94 2.40 -9.19
N LYS A 243 -15.85 2.41 -10.17
CA LYS A 243 -15.90 3.50 -11.14
C LYS A 243 -16.28 4.82 -10.48
N THR A 244 -17.15 4.77 -9.47
CA THR A 244 -17.63 5.94 -8.73
C THR A 244 -16.73 6.31 -7.55
N LEU A 245 -15.66 5.56 -7.30
CA LEU A 245 -14.94 5.68 -6.05
C LEU A 245 -14.20 7.00 -5.96
N THR A 246 -14.43 7.74 -4.88
CA THR A 246 -13.76 9.01 -4.63
C THR A 246 -13.22 8.99 -3.21
N PRO A 247 -12.26 9.86 -2.89
CA PRO A 247 -11.81 9.96 -1.49
C PRO A 247 -12.94 10.30 -0.53
N LYS A 248 -13.83 11.20 -0.91
CA LYS A 248 -14.93 11.56 -0.01
C LYS A 248 -15.84 10.36 0.24
N GLN A 249 -16.18 9.62 -0.81
CA GLN A 249 -17.03 8.44 -0.64
C GLN A 249 -16.40 7.44 0.31
N PHE A 250 -15.10 7.18 0.14
CA PHE A 250 -14.40 6.27 1.05
C PHE A 250 -14.40 6.80 2.48
N ALA A 251 -14.28 8.12 2.64
CA ALA A 251 -14.40 8.70 3.97
C ALA A 251 -15.80 8.54 4.53
N LEU A 252 -16.82 8.58 3.67
CA LEU A 252 -18.19 8.37 4.17
C LEU A 252 -18.39 6.92 4.61
N TRP A 253 -17.80 5.98 3.88
CA TRP A 253 -17.88 4.57 4.29
C TRP A 253 -17.17 4.31 5.61
N THR A 254 -16.08 5.01 5.89
CA THR A 254 -15.32 4.78 7.10
C THR A 254 -15.72 5.70 8.26
N ALA A 255 -16.61 6.66 8.02
CA ALA A 255 -17.10 7.53 9.08
C ALA A 255 -18.42 7.05 9.69
N ASN A 256 -19.06 6.04 9.11
CA ASN A 256 -20.34 5.52 9.59
C ASN A 256 -20.14 4.09 10.08
N LEU A 257 -19.36 3.94 11.16
CA LEU A 257 -18.99 2.62 11.69
C LEU A 257 -19.20 2.63 13.20
N SER A 258 -20.45 2.48 13.61
CA SER A 258 -20.78 2.24 15.01
C SER A 258 -20.86 0.74 15.26
N GLU A 259 -20.57 0.33 16.49
CA GLU A 259 -20.56 -1.08 16.84
C GLU A 259 -21.96 -1.68 16.76
N ARG A 260 -22.03 -2.91 16.28
CA ARG A 260 -23.31 -3.63 16.11
C ARG A 260 -22.99 -5.12 16.01
N LYS A 261 -23.83 -5.98 16.59
CA LYS A 261 -23.63 -7.44 16.39
C LYS A 261 -23.94 -7.77 14.92
N ILE A 262 -22.99 -8.36 14.23
CA ILE A 262 -23.20 -8.66 12.80
C ILE A 262 -22.91 -10.14 12.58
N GLU A 263 -23.72 -10.83 11.79
CA GLU A 263 -23.36 -12.19 11.37
C GLU A 263 -22.45 -12.00 10.16
N ALA A 264 -21.16 -12.27 10.32
CA ALA A 264 -20.20 -11.98 9.28
C ALA A 264 -19.70 -13.26 8.63
N LEU A 265 -19.67 -13.29 7.31
CA LEU A 265 -19.07 -14.38 6.55
C LEU A 265 -17.98 -13.78 5.67
N LEU A 266 -16.73 -14.13 5.95
CA LEU A 266 -15.58 -13.55 5.27
C LEU A 266 -14.67 -14.66 4.78
N PRO A 267 -14.29 -14.68 3.51
CA PRO A 267 -13.37 -15.72 3.03
C PRO A 267 -11.98 -15.56 3.64
N LYS A 268 -11.34 -16.68 3.92
CA LYS A 268 -9.92 -16.65 4.17
C LYS A 268 -9.20 -16.70 2.83
N PHE A 269 -8.08 -15.97 2.73
CA PHE A 269 -7.37 -15.86 1.47
C PHE A 269 -5.95 -15.38 1.72
N ARG A 270 -5.09 -15.68 0.76
CA ARG A 270 -3.78 -15.07 0.63
C ARG A 270 -3.71 -14.49 -0.77
N THR A 271 -3.18 -13.28 -0.90
CA THR A 271 -3.06 -12.71 -2.23
C THR A 271 -1.83 -11.80 -2.29
N THR A 272 -1.28 -11.67 -3.49
CA THR A 272 -0.04 -10.94 -3.74
C THR A 272 -0.17 -10.08 -4.97
N SER A 273 0.37 -8.87 -4.91
CA SER A 273 0.53 -8.03 -6.08
C SER A 273 1.96 -7.53 -6.16
N ALA A 274 2.53 -7.54 -7.36
CA ALA A 274 3.85 -6.99 -7.63
C ALA A 274 3.74 -6.05 -8.81
N PHE A 275 4.24 -4.83 -8.66
CA PHE A 275 4.03 -3.76 -9.61
C PHE A 275 5.34 -3.08 -9.95
N ARG A 276 5.56 -2.86 -11.23
CA ARG A 276 6.45 -1.81 -11.72
C ARG A 276 5.57 -0.58 -11.91
N LEU A 277 5.68 0.38 -11.00
CA LEU A 277 4.70 1.46 -10.90
C LEU A 277 4.99 2.65 -11.80
N ASP A 278 6.10 2.63 -12.55
CA ASP A 278 6.51 3.80 -13.33
C ASP A 278 5.37 4.30 -14.21
N GLU A 279 4.80 3.42 -15.04
CA GLU A 279 3.76 3.84 -15.99
C GLU A 279 2.52 4.35 -15.26
N THR A 280 2.08 3.63 -14.23
CA THR A 280 0.99 4.09 -13.38
C THR A 280 1.21 5.52 -12.89
N LEU A 281 2.40 5.80 -12.35
CA LEU A 281 2.69 7.13 -11.85
C LEU A 281 2.71 8.17 -12.96
N ARG A 282 3.15 7.80 -14.17
CA ARG A 282 3.03 8.73 -15.30
C ARG A 282 1.58 9.07 -15.58
N HIS A 283 0.70 8.07 -15.56
CA HIS A 283 -0.73 8.33 -15.76
C HIS A 283 -1.27 9.30 -14.73
N MET A 284 -0.80 9.18 -13.49
CA MET A 284 -1.29 10.02 -12.40
C MET A 284 -0.69 11.42 -12.41
N GLY A 285 0.16 11.78 -13.37
CA GLY A 285 0.67 13.13 -13.49
C GLY A 285 2.10 13.33 -13.07
N MET A 286 2.82 12.27 -12.72
CA MET A 286 4.21 12.35 -12.28
C MET A 286 5.10 11.96 -13.45
N THR A 287 5.35 12.92 -14.35
CA THR A 287 5.99 12.62 -15.63
C THR A 287 7.45 13.06 -15.71
N ASP A 288 7.75 14.32 -15.36
CA ASP A 288 9.14 14.79 -15.41
C ASP A 288 10.10 13.82 -14.73
N ALA A 289 9.69 13.27 -13.57
CA ALA A 289 10.61 12.52 -12.73
C ALA A 289 11.18 11.28 -13.42
N PHE A 290 10.47 10.73 -14.40
CA PHE A 290 10.92 9.54 -15.10
C PHE A 290 11.63 9.85 -16.41
N ASP A 291 11.70 11.12 -16.80
CA ASP A 291 12.29 11.52 -18.07
C ASP A 291 13.69 12.06 -17.84
N ARG A 292 14.68 11.40 -18.45
CA ARG A 292 16.07 11.83 -18.33
C ARG A 292 16.26 13.27 -18.79
N ASN A 293 15.51 13.70 -19.80
CA ASN A 293 15.66 15.05 -20.33
C ASN A 293 14.97 16.11 -19.50
N LEU A 294 14.15 15.73 -18.51
CA LEU A 294 13.32 16.69 -17.80
C LEU A 294 13.45 16.66 -16.29
N ALA A 295 13.86 15.54 -15.69
CA ALA A 295 13.79 15.40 -14.25
C ALA A 295 14.73 16.38 -13.55
N ASP A 296 14.20 17.06 -12.55
CA ASP A 296 15.00 17.96 -11.71
C ASP A 296 15.07 17.33 -10.31
N PHE A 297 16.13 16.56 -10.09
CA PHE A 297 16.49 16.05 -8.77
C PHE A 297 17.77 16.71 -8.26
N SER A 298 17.96 17.99 -8.61
CA SER A 298 19.15 18.70 -8.18
C SER A 298 19.21 18.86 -6.66
N GLY A 299 18.08 18.73 -5.97
CA GLY A 299 18.08 18.71 -4.51
C GLY A 299 18.71 17.46 -3.93
N MET A 300 18.99 16.46 -4.76
CA MET A 300 19.60 15.22 -4.32
C MET A 300 21.12 15.25 -4.36
N VAL A 301 21.70 16.08 -5.24
CA VAL A 301 23.10 15.98 -5.57
C VAL A 301 23.80 17.29 -5.19
N SER A 302 25.10 17.18 -4.96
CA SER A 302 25.90 18.35 -4.64
C SER A 302 26.86 18.76 -5.74
N ASN A 303 26.99 17.98 -6.81
CA ASN A 303 28.00 18.23 -7.83
C ASN A 303 27.43 18.00 -9.24
N SER A 304 26.26 18.57 -9.52
CA SER A 304 25.69 18.64 -10.87
C SER A 304 25.45 17.27 -11.50
N ASP A 305 25.31 16.22 -10.68
CA ASP A 305 24.92 14.93 -11.24
C ASP A 305 23.44 14.93 -11.54
N LYS A 306 23.03 14.09 -12.49
CA LYS A 306 21.65 14.04 -12.96
C LYS A 306 21.05 12.69 -12.55
N LEU A 307 20.18 12.72 -11.55
CA LEU A 307 19.37 11.56 -11.20
C LEU A 307 17.98 11.70 -11.81
N TYR A 308 17.39 10.55 -12.17
CA TYR A 308 15.99 10.44 -12.56
C TYR A 308 15.50 9.05 -12.17
N ILE A 309 14.19 8.92 -11.93
CA ILE A 309 13.66 7.64 -11.47
C ILE A 309 13.64 6.66 -12.63
N GLY A 310 14.38 5.55 -12.49
CA GLY A 310 14.40 4.52 -13.50
C GLY A 310 13.53 3.32 -13.21
N ALA A 311 13.19 3.10 -11.94
CA ALA A 311 12.29 2.00 -11.61
C ALA A 311 11.67 2.24 -10.25
N VAL A 312 10.36 2.00 -10.15
CA VAL A 312 9.63 1.95 -8.88
C VAL A 312 8.97 0.58 -8.81
N VAL A 313 9.36 -0.22 -7.81
CA VAL A 313 8.88 -1.58 -7.67
C VAL A 313 8.20 -1.73 -6.32
N HIS A 314 7.00 -2.29 -6.33
CA HIS A 314 6.21 -2.48 -5.12
C HIS A 314 5.68 -3.91 -5.12
N LYS A 315 5.87 -4.62 -4.01
CA LYS A 315 5.26 -5.93 -3.83
C LYS A 315 4.60 -5.99 -2.45
N ALA A 316 3.38 -6.48 -2.39
CA ALA A 316 2.65 -6.60 -1.15
C ALA A 316 2.01 -7.98 -1.07
N PHE A 317 2.01 -8.55 0.13
CA PHE A 317 1.46 -9.87 0.40
C PHE A 317 0.60 -9.77 1.64
N VAL A 318 -0.59 -10.40 1.61
CA VAL A 318 -1.48 -10.42 2.76
C VAL A 318 -1.94 -11.84 3.03
N ASP A 319 -2.11 -12.15 4.31
CA ASP A 319 -2.66 -13.40 4.80
C ASP A 319 -3.86 -13.08 5.67
N VAL A 320 -5.03 -13.63 5.33
CA VAL A 320 -6.26 -13.42 6.09
C VAL A 320 -6.84 -14.77 6.47
N GLY A 321 -6.97 -15.00 7.78
CA GLY A 321 -7.44 -16.28 8.29
C GLY A 321 -8.28 -16.13 9.54
N GLU A 322 -8.40 -17.20 10.33
CA GLU A 322 -9.30 -17.21 11.47
C GLU A 322 -8.68 -16.70 12.76
N LYS A 323 -7.35 -16.77 12.89
CA LYS A 323 -6.70 -16.59 14.19
C LYS A 323 -7.03 -15.23 14.81
N GLY A 324 -7.28 -15.25 16.12
CA GLY A 324 -7.55 -14.02 16.83
C GLY A 324 -7.09 -13.97 18.28
N THR A 325 -8.03 -13.67 19.18
CA THR A 325 -7.78 -13.43 20.60
C THR A 325 -6.73 -12.34 20.80
N VAL A 345 -29.88 -10.14 13.78
CA VAL A 345 -28.72 -9.33 13.45
C VAL A 345 -28.47 -9.35 11.95
N PRO A 346 -28.00 -8.24 11.39
CA PRO A 346 -27.76 -8.20 9.94
C PRO A 346 -26.70 -9.21 9.52
N VAL A 347 -26.81 -9.66 8.27
CA VAL A 347 -25.87 -10.61 7.68
C VAL A 347 -24.96 -9.86 6.72
N PHE A 348 -23.67 -10.12 6.81
CA PHE A 348 -22.63 -9.59 5.93
C PHE A 348 -21.93 -10.79 5.31
N LYS A 349 -22.25 -11.13 4.06
CA LYS A 349 -21.78 -12.37 3.44
C LYS A 349 -20.92 -12.05 2.22
N ALA A 350 -19.61 -12.06 2.40
CA ALA A 350 -18.67 -11.59 1.37
C ALA A 350 -18.27 -12.78 0.49
N ASP A 351 -19.23 -13.27 -0.29
CA ASP A 351 -19.00 -14.38 -1.19
C ASP A 351 -19.05 -13.95 -2.66
N HIS A 352 -18.84 -12.66 -2.92
CA HIS A 352 -18.75 -12.12 -4.27
C HIS A 352 -17.77 -10.96 -4.22
N PRO A 353 -17.31 -10.46 -5.36
CA PRO A 353 -16.15 -9.55 -5.33
C PRO A 353 -16.39 -8.32 -4.46
N PHE A 354 -15.37 -7.96 -3.67
CA PHE A 354 -15.47 -6.86 -2.74
C PHE A 354 -14.14 -6.10 -2.70
N LEU A 355 -14.19 -4.90 -2.13
CA LEU A 355 -13.04 -4.06 -1.85
C LEU A 355 -12.72 -4.13 -0.36
N PHE A 356 -11.44 -4.00 -0.02
CA PHE A 356 -11.10 -3.96 1.38
C PHE A 356 -9.89 -3.06 1.62
N ALA A 357 -9.73 -2.64 2.87
CA ALA A 357 -8.62 -1.78 3.27
C ALA A 357 -8.25 -2.09 4.71
N ILE A 358 -6.99 -1.86 5.04
CA ILE A 358 -6.53 -1.97 6.41
C ILE A 358 -6.10 -0.57 6.83
N ARG A 359 -6.72 -0.09 7.90
CA ARG A 359 -6.64 1.30 8.32
C ARG A 359 -6.01 1.36 9.71
N GLU A 360 -5.17 2.36 9.94
CA GLU A 360 -4.66 2.66 11.26
C GLU A 360 -5.65 3.61 11.92
N ASN A 361 -6.13 3.25 13.11
CA ASN A 361 -7.32 3.90 13.64
C ASN A 361 -7.03 5.21 14.37
N SER A 362 -5.79 5.44 14.82
CA SER A 362 -5.51 6.71 15.48
C SER A 362 -5.42 7.85 14.47
N THR A 363 -4.75 7.63 13.33
CA THR A 363 -4.64 8.66 12.32
C THR A 363 -5.69 8.56 11.22
N GLY A 364 -6.32 7.40 11.03
CA GLY A 364 -7.19 7.18 9.91
C GLY A 364 -6.48 6.79 8.62
N ARG A 365 -5.15 6.77 8.62
CA ARG A 365 -4.40 6.51 7.40
C ARG A 365 -4.61 5.08 6.91
N ILE A 366 -4.63 4.93 5.59
CA ILE A 366 -4.82 3.62 4.96
C ILE A 366 -3.45 2.97 4.79
N LEU A 367 -3.22 1.87 5.51
CA LEU A 367 -1.98 1.12 5.34
C LEU A 367 -2.01 0.29 4.07
N PHE A 368 -3.10 -0.43 3.83
CA PHE A 368 -3.26 -1.28 2.66
C PHE A 368 -4.65 -1.12 2.06
N MET A 369 -4.74 -1.28 0.74
CA MET A 369 -6.02 -1.52 0.08
C MET A 369 -5.91 -2.72 -0.83
N GLY A 370 -7.08 -3.24 -1.20
CA GLY A 370 -7.11 -4.37 -2.11
C GLY A 370 -8.51 -4.66 -2.56
N ARG A 371 -8.61 -5.66 -3.43
CA ARG A 371 -9.88 -6.18 -3.87
C ARG A 371 -9.75 -7.68 -3.99
N ILE A 372 -10.85 -8.39 -3.72
CA ILE A 372 -10.91 -9.83 -3.87
C ILE A 372 -11.97 -10.12 -4.92
N SER A 373 -11.52 -10.57 -6.09
CA SER A 373 -12.40 -11.00 -7.16
C SER A 373 -12.41 -12.51 -7.34
N ASP A 374 -11.32 -13.18 -6.97
CA ASP A 374 -11.10 -14.59 -7.23
C ASP A 374 -10.15 -15.15 -6.18
N PRO A 375 -10.64 -15.47 -4.97
CA PRO A 375 -9.75 -15.95 -3.90
C PRO A 375 -9.26 -17.36 -4.18
#